data_7I2A
#
_entry.id   7I2A
#
_cell.length_a   82.482
_cell.length_b   116.710
_cell.length_c   148.122
_cell.angle_alpha   90.00
_cell.angle_beta   90.00
_cell.angle_gamma   90.00
#
_symmetry.space_group_name_H-M   'I 2 2 2'
#
loop_
_entity.id
_entity.type
_entity.pdbx_description
1 polymer 'NS5 RNA-dependent RNA polymerase'
2 non-polymer 'ZINC ION'
3 non-polymer '2-(N-MORPHOLINO)-ETHANESULFONIC ACID'
4 non-polymer 'DIMETHYL SULFOXIDE'
5 non-polymer DI(HYDROXYETHYL)ETHER
6 non-polymer 'PHOSPHATE ION'
7 non-polymer (azepan-1-yl)(2,6-difluorophenyl)methanone
8 non-polymer 'CHLORIDE ION'
9 water water
#
_entity_poly.entity_id   1
_entity_poly.type   'polypeptide(L)'
_entity_poly.pdbx_seq_one_letter_code
;GPGIESETPNLDIIGKRIEKIKQEHETSWHYDQDHPYKTWAYHGSYETKQTGSASSMVNGVVRLLTKPWDIIPMVTQMAM
TDTTPFGQQRVFKEKVDTRTQEPKEGTKKLMKITAEWLWKELGKKKTPRMCTREEFTRKVRSNAALGAIFTDENKWKSAR
EAVEDSGFWELVDKERNLHLEGKCETCVYNMMGKREKKLGEFGKAKGSRAIWYMWLGARFLEFEALGFLNEDHWFSRENS
LSGVEGEGLHKLGYILRDVSKKEGGAMYADDTAGWDTRITLEDLKNEEMVTNHMEGEHKKLAEAIFKLTYQNKVVRVQRP
TPRGTVMDIISRRDQRGSGQVVTYGLNTFTNMEAQLIRQMEGEGVFKSIQHLTVTEEIAVKNWLVRVGRERLSRMAISGD
DCVVKPLDDRFASALTALNDMGKVRKDIQQWEPSRGWNDWTQVPFCSHHFHELIMKDGRVLVVPCRNQDELIGRARISQG
AGWSLRETACLGKSYAQMWSLMYFHRRDLRLAANAICSAVPSHWVPTSRTTWSIHATHEWMTTEDMLTVWNRVWIQENPW
MEDKTPVESWEEIPYLGKREDQWCGSLIGLTSRATWAKNIQTAINQVRSLIGNEEYTDYMPSMKRFRREEEEAGVLW
;
_entity_poly.pdbx_strand_id   A
#
# COMPACT_ATOMS: atom_id res chain seq x y z
N ASN A 10 9.09 -21.58 21.39
CA ASN A 10 8.01 -20.84 22.10
C ASN A 10 8.64 -19.94 23.17
N LEU A 11 8.44 -20.24 24.45
CA LEU A 11 8.91 -19.40 25.59
C LEU A 11 10.45 -19.41 25.62
N ASP A 12 11.07 -20.39 24.96
CA ASP A 12 12.55 -20.43 24.77
C ASP A 12 12.96 -19.31 23.81
N ILE A 13 11.98 -18.56 23.27
CA ILE A 13 12.20 -17.52 22.23
C ILE A 13 11.45 -16.24 22.60
N ILE A 14 10.29 -16.35 23.26
CA ILE A 14 9.38 -15.20 23.57
C ILE A 14 9.47 -14.81 25.05
N GLY A 15 9.96 -15.75 25.88
CA GLY A 15 10.00 -15.56 27.35
C GLY A 15 10.73 -14.31 27.80
N LYS A 16 11.94 -14.09 27.29
CA LYS A 16 12.74 -12.91 27.72
C LYS A 16 11.86 -11.67 27.55
N ARG A 17 11.17 -11.57 26.41
CA ARG A 17 10.27 -10.41 26.16
C ARG A 17 9.13 -10.42 27.18
N ILE A 18 8.50 -11.59 27.39
CA ILE A 18 7.38 -11.71 28.35
C ILE A 18 7.90 -11.41 29.76
N GLU A 19 9.04 -12.00 30.13
CA GLU A 19 9.61 -11.79 31.48
C GLU A 19 9.89 -10.30 31.68
N LYS A 20 10.53 -9.65 30.70
CA LYS A 20 10.90 -8.22 30.84
C LYS A 20 9.64 -7.39 31.10
N ILE A 21 8.56 -7.70 30.39
CA ILE A 21 7.29 -6.92 30.53
C ILE A 21 6.67 -7.22 31.90
N LYS A 22 6.66 -8.49 32.30
CA LYS A 22 6.04 -8.89 33.59
C LYS A 22 6.68 -8.09 34.73
N GLN A 23 8.01 -8.01 34.74
CA GLN A 23 8.75 -7.29 35.80
C GLN A 23 8.42 -5.79 35.78
N GLU A 24 8.35 -5.18 34.60
CA GLU A 24 8.10 -3.72 34.53
C GLU A 24 6.69 -3.43 35.06
N HIS A 25 5.86 -4.47 35.19
CA HIS A 25 4.47 -4.29 35.68
C HIS A 25 4.19 -5.33 36.77
N GLU A 26 5.21 -5.67 37.58
CA GLU A 26 5.04 -6.73 38.61
C GLU A 26 3.89 -6.35 39.54
N THR A 27 3.66 -5.06 39.74
CA THR A 27 2.60 -4.61 40.68
C THR A 27 1.22 -5.03 40.16
N SER A 28 1.03 -5.13 38.85
CA SER A 28 -0.33 -5.40 38.31
C SER A 28 -0.39 -6.71 37.52
N TRP A 29 0.57 -7.60 37.71
CA TRP A 29 0.58 -8.85 36.89
C TRP A 29 -0.48 -9.82 37.41
N HIS A 30 -1.30 -10.38 36.51
CA HIS A 30 -2.37 -11.34 36.88
C HIS A 30 -2.84 -12.12 35.65
N TYR A 31 -2.88 -13.45 35.76
CA TYR A 31 -3.35 -14.37 34.69
C TYR A 31 -4.89 -14.34 34.63
N ASP A 32 -5.45 -13.29 34.04
CA ASP A 32 -6.94 -13.09 33.92
C ASP A 32 -7.61 -14.37 33.37
N GLN A 33 -8.71 -14.78 34.02
CA GLN A 33 -9.44 -16.04 33.72
C GLN A 33 -10.51 -15.78 32.66
N ASP A 34 -10.88 -14.51 32.45
CA ASP A 34 -11.90 -14.09 31.45
C ASP A 34 -11.21 -13.45 30.25
N HIS A 35 -10.14 -14.08 29.74
CA HIS A 35 -9.41 -13.61 28.53
C HIS A 35 -10.20 -14.07 27.31
N PRO A 36 -10.51 -13.16 26.35
CA PRO A 36 -11.34 -13.51 25.19
C PRO A 36 -10.67 -14.24 24.02
N TYR A 37 -9.44 -14.74 24.21
CA TYR A 37 -8.57 -15.26 23.11
C TYR A 37 -8.78 -16.76 22.98
N LYS A 38 -8.81 -17.27 21.73
CA LYS A 38 -9.02 -18.71 21.41
C LYS A 38 -7.94 -19.19 20.44
N THR A 39 -7.37 -18.29 19.63
CA THR A 39 -6.34 -18.62 18.61
C THR A 39 -4.99 -18.04 19.04
N TRP A 40 -5.00 -16.90 19.73
CA TRP A 40 -3.79 -16.23 20.28
C TRP A 40 -3.50 -16.75 21.68
N ALA A 41 -2.28 -17.25 21.90
CA ALA A 41 -1.86 -17.71 23.24
C ALA A 41 -1.81 -16.52 24.18
N TYR A 42 -2.40 -16.66 25.37
CA TYR A 42 -2.46 -15.56 26.35
C TYR A 42 -1.39 -15.79 27.41
N HIS A 43 -0.83 -14.72 27.94
CA HIS A 43 0.29 -14.88 28.90
C HIS A 43 -0.06 -14.17 30.21
N GLY A 44 -0.63 -12.97 30.14
CA GLY A 44 -0.92 -12.21 31.35
C GLY A 44 -1.47 -10.84 31.06
N SER A 45 -1.84 -10.11 32.11
CA SER A 45 -2.43 -8.76 31.95
C SER A 45 -1.78 -7.77 32.93
N TYR A 46 -1.99 -6.48 32.71
CA TYR A 46 -1.43 -5.40 33.57
C TYR A 46 -2.20 -4.10 33.28
N GLU A 47 -1.94 -3.05 34.07
CA GLU A 47 -2.81 -1.85 34.22
C GLU A 47 -2.34 -0.73 33.29
N THR A 48 -3.27 -0.05 32.60
CA THR A 48 -3.03 1.13 31.74
C THR A 48 -4.31 1.98 31.70
N LYS A 49 -4.31 3.09 30.98
CA LYS A 49 -5.51 3.97 30.77
C LYS A 49 -5.23 4.97 29.65
N GLN A 50 -5.68 4.67 28.43
CA GLN A 50 -5.44 5.51 27.22
C GLN A 50 -6.31 5.01 26.07
N ALA A 54 -8.62 8.43 18.32
CA ALA A 54 -7.98 8.82 17.05
C ALA A 54 -9.05 9.03 15.97
N SER A 55 -9.73 10.18 16.01
CA SER A 55 -10.79 10.57 15.04
C SER A 55 -10.15 11.25 13.82
N SER A 56 -10.90 11.31 12.72
CA SER A 56 -10.50 11.96 11.45
C SER A 56 -10.97 13.42 11.44
N MET A 57 -10.03 14.36 11.47
CA MET A 57 -10.36 15.81 11.60
C MET A 57 -10.67 16.37 10.21
N VAL A 58 -11.52 17.36 10.07
CA VAL A 58 -11.84 17.95 8.75
C VAL A 58 -10.82 19.00 8.34
N ASN A 59 -10.39 18.96 7.07
CA ASN A 59 -9.60 20.02 6.40
C ASN A 59 -10.53 21.15 5.95
N GLY A 60 -10.56 22.24 6.71
CA GLY A 60 -11.38 23.44 6.47
C GLY A 60 -11.13 24.12 5.15
N VAL A 61 -9.86 24.18 4.69
CA VAL A 61 -9.54 24.78 3.39
C VAL A 61 -10.22 23.99 2.27
N VAL A 62 -10.10 22.66 2.26
CA VAL A 62 -10.73 21.84 1.17
C VAL A 62 -12.26 21.93 1.32
N ARG A 63 -12.79 21.83 2.53
CA ARG A 63 -14.27 21.78 2.68
C ARG A 63 -14.88 23.12 2.24
N LEU A 64 -14.27 24.26 2.59
CA LEU A 64 -14.88 25.56 2.16
C LEU A 64 -14.88 25.71 0.63
N LEU A 65 -14.00 25.03 -0.08
CA LEU A 65 -13.90 25.14 -1.57
C LEU A 65 -14.63 23.99 -2.28
N THR A 66 -15.32 23.14 -1.52
CA THR A 66 -16.13 22.03 -2.08
C THR A 66 -17.56 22.06 -1.49
N LYS A 67 -18.21 23.20 -1.46
CA LYS A 67 -19.52 23.38 -0.79
C LYS A 67 -20.57 22.41 -1.33
N PRO A 68 -20.72 22.12 -2.62
CA PRO A 68 -21.83 21.27 -3.08
C PRO A 68 -21.83 19.89 -2.40
N TRP A 69 -20.65 19.41 -1.98
CA TRP A 69 -20.47 18.07 -1.38
C TRP A 69 -20.85 18.10 0.09
N ASP A 70 -21.17 19.28 0.66
CA ASP A 70 -21.58 19.38 2.08
C ASP A 70 -22.91 18.65 2.33
N ILE A 71 -23.69 18.39 1.28
CA ILE A 71 -25.02 17.73 1.38
C ILE A 71 -24.99 16.35 0.71
N ILE A 72 -23.83 15.77 0.46
CA ILE A 72 -23.68 14.42 -0.17
C ILE A 72 -23.23 13.49 0.93
N PRO A 73 -24.10 12.59 1.45
CA PRO A 73 -23.72 11.72 2.55
C PRO A 73 -22.51 10.82 2.30
N MET A 74 -22.29 10.37 1.08
CA MET A 74 -21.11 9.51 0.80
C MET A 74 -19.82 10.30 1.07
N VAL A 75 -19.84 11.61 0.92
CA VAL A 75 -18.67 12.46 1.29
C VAL A 75 -18.67 12.76 2.78
N THR A 76 -19.77 13.25 3.33
CA THR A 76 -19.85 13.80 4.71
C THR A 76 -19.70 12.69 5.75
N GLN A 77 -20.17 11.47 5.44
CA GLN A 77 -20.07 10.33 6.41
C GLN A 77 -18.63 9.85 6.54
N MET A 78 -17.76 10.07 5.54
CA MET A 78 -16.35 9.59 5.57
C MET A 78 -15.57 10.21 6.73
N ALA A 79 -15.95 11.40 7.18
CA ALA A 79 -15.25 12.15 8.25
C ALA A 79 -15.77 11.73 9.63
N MET A 80 -16.86 10.96 9.72
CA MET A 80 -17.48 10.64 11.06
C MET A 80 -16.82 9.37 11.66
N THR A 81 -17.01 9.14 12.97
CA THR A 81 -16.73 7.85 13.67
C THR A 81 -15.41 7.85 14.42
N GLU A 94 -11.90 -10.58 15.83
CA GLU A 94 -13.06 -10.85 14.94
C GLU A 94 -12.57 -11.65 13.72
N LYS A 95 -11.42 -11.26 13.14
CA LYS A 95 -10.75 -11.98 12.02
C LYS A 95 -9.30 -12.32 12.41
N VAL A 96 -8.65 -11.47 13.20
CA VAL A 96 -7.25 -11.69 13.68
C VAL A 96 -7.25 -12.93 14.59
N ASP A 97 -8.27 -13.07 15.45
CA ASP A 97 -8.40 -14.21 16.39
C ASP A 97 -9.06 -15.39 15.66
N THR A 98 -8.54 -15.75 14.48
CA THR A 98 -8.94 -16.96 13.71
C THR A 98 -7.69 -17.80 13.43
N ARG A 99 -7.88 -19.01 12.87
CA ARG A 99 -6.79 -19.98 12.60
C ARG A 99 -6.79 -20.33 11.10
N THR A 100 -5.65 -20.79 10.58
CA THR A 100 -5.47 -21.21 9.16
C THR A 100 -4.88 -22.62 9.11
N GLN A 101 -5.71 -23.62 8.82
CA GLN A 101 -5.32 -25.05 8.73
C GLN A 101 -4.04 -25.18 7.89
N GLU A 102 -3.18 -26.14 8.23
CA GLU A 102 -1.91 -26.44 7.51
C GLU A 102 -2.23 -27.00 6.13
N PRO A 103 -1.61 -26.46 5.06
CA PRO A 103 -1.84 -26.96 3.70
C PRO A 103 -1.46 -28.44 3.60
N LYS A 104 -1.83 -29.08 2.49
CA LYS A 104 -1.58 -30.53 2.21
C LYS A 104 -0.17 -30.69 1.61
N GLU A 105 0.41 -31.88 1.74
CA GLU A 105 1.84 -32.12 1.38
C GLU A 105 2.10 -31.73 -0.08
N GLY A 106 1.13 -31.95 -0.99
CA GLY A 106 1.25 -31.51 -2.39
C GLY A 106 1.32 -29.97 -2.46
N THR A 107 0.46 -29.26 -1.73
CA THR A 107 0.44 -27.77 -1.68
C THR A 107 1.79 -27.25 -1.17
N LYS A 108 2.21 -27.76 -0.01
CA LYS A 108 3.46 -27.37 0.70
C LYS A 108 4.67 -27.56 -0.22
N LYS A 109 4.66 -28.59 -1.07
CA LYS A 109 5.72 -28.85 -2.07
C LYS A 109 5.64 -27.83 -3.22
N LEU A 110 4.45 -27.59 -3.77
CA LEU A 110 4.26 -26.60 -4.88
C LEU A 110 4.78 -25.23 -4.41
N MET A 111 4.45 -24.87 -3.19
CA MET A 111 4.86 -23.56 -2.63
C MET A 111 6.39 -23.47 -2.49
N LYS A 112 7.02 -24.55 -2.00
CA LYS A 112 8.49 -24.60 -1.74
C LYS A 112 9.24 -24.49 -3.05
N ILE A 113 8.86 -25.31 -4.05
CA ILE A 113 9.48 -25.28 -5.41
C ILE A 113 9.31 -23.89 -6.01
N THR A 114 8.08 -23.35 -5.99
CA THR A 114 7.81 -22.01 -6.59
C THR A 114 8.60 -20.92 -5.87
N ALA A 115 8.57 -20.91 -4.54
CA ALA A 115 9.30 -19.89 -3.75
C ALA A 115 10.80 -19.93 -4.03
N GLU A 116 11.38 -21.11 -4.29
CA GLU A 116 12.82 -21.28 -4.66
C GLU A 116 13.10 -20.65 -6.04
N TRP A 117 12.28 -20.99 -7.03
CA TRP A 117 12.43 -20.42 -8.39
C TRP A 117 12.30 -18.89 -8.30
N LEU A 118 11.37 -18.39 -7.47
CA LEU A 118 11.06 -16.94 -7.47
C LEU A 118 12.16 -16.12 -6.78
N TRP A 119 12.65 -16.53 -5.61
CA TRP A 119 13.79 -15.79 -4.97
C TRP A 119 15.02 -15.78 -5.90
N LYS A 120 15.33 -16.90 -6.57
CA LYS A 120 16.42 -16.92 -7.57
C LYS A 120 16.14 -15.94 -8.70
N GLU A 121 14.94 -15.87 -9.28
CA GLU A 121 14.67 -14.93 -10.38
C GLU A 121 14.82 -13.50 -9.88
N LEU A 122 14.30 -13.20 -8.69
CA LEU A 122 14.29 -11.80 -8.20
C LEU A 122 15.75 -11.38 -7.90
N GLY A 123 16.55 -12.36 -7.51
CA GLY A 123 17.98 -12.20 -7.13
C GLY A 123 18.95 -12.20 -8.32
N LYS A 124 18.56 -12.60 -9.55
CA LYS A 124 19.50 -12.60 -10.71
C LYS A 124 20.19 -11.24 -10.93
N LYS A 125 19.46 -10.14 -10.86
CA LYS A 125 20.03 -8.81 -11.17
C LYS A 125 20.06 -7.90 -9.94
N LYS A 126 19.99 -8.42 -8.73
CA LYS A 126 20.00 -7.63 -7.47
C LYS A 126 20.93 -8.34 -6.49
N THR A 127 21.48 -7.59 -5.52
CA THR A 127 22.36 -8.13 -4.44
C THR A 127 21.80 -7.77 -3.07
N PRO A 128 21.37 -8.74 -2.25
CA PRO A 128 20.90 -8.44 -0.90
C PRO A 128 22.02 -7.71 -0.15
N ARG A 129 21.65 -6.78 0.72
CA ARG A 129 22.63 -5.92 1.44
C ARG A 129 21.93 -5.29 2.65
N MET A 130 22.69 -4.97 3.70
CA MET A 130 22.15 -4.26 4.89
C MET A 130 21.87 -2.81 4.58
N CYS A 131 20.80 -2.30 5.16
CA CYS A 131 20.48 -0.88 5.13
C CYS A 131 21.15 -0.22 6.34
N THR A 132 21.47 1.06 6.25
CA THR A 132 22.46 1.73 7.14
C THR A 132 21.75 2.64 8.14
N ARG A 133 22.37 2.86 9.31
CA ARG A 133 21.93 3.85 10.33
C ARG A 133 21.70 5.19 9.62
N GLU A 134 22.64 5.56 8.74
CA GLU A 134 22.59 6.80 7.92
C GLU A 134 21.29 6.82 7.10
N GLU A 135 21.04 5.74 6.34
CA GLU A 135 19.78 5.58 5.53
C GLU A 135 18.53 5.67 6.43
N PHE A 136 18.53 4.95 7.56
CA PHE A 136 17.41 4.98 8.52
C PHE A 136 17.19 6.42 9.02
N THR A 137 18.27 7.06 9.48
CA THR A 137 18.27 8.42 10.06
C THR A 137 17.74 9.43 9.04
N ARG A 138 18.19 9.32 7.78
CA ARG A 138 17.77 10.24 6.69
C ARG A 138 16.25 10.09 6.47
N LYS A 139 15.71 8.88 6.64
CA LYS A 139 14.28 8.56 6.40
C LYS A 139 13.44 9.12 7.55
N VAL A 140 13.95 9.07 8.79
CA VAL A 140 13.23 9.57 10.00
C VAL A 140 13.27 11.10 9.99
N ARG A 141 14.32 11.69 9.42
CA ARG A 141 14.50 13.17 9.32
C ARG A 141 13.87 13.68 8.01
N SER A 142 12.81 13.02 7.56
CA SER A 142 12.05 13.35 6.33
C SER A 142 10.60 12.87 6.46
N ASN A 143 10.22 12.40 7.65
CA ASN A 143 8.82 12.05 8.02
C ASN A 143 8.32 10.88 7.16
N ALA A 144 8.91 9.69 7.34
CA ALA A 144 8.42 8.41 6.75
C ALA A 144 7.73 7.60 7.85
N ALA A 145 6.54 7.06 7.55
CA ALA A 145 5.71 6.25 8.47
C ALA A 145 6.41 4.91 8.73
N LEU A 146 7.10 4.79 9.88
CA LEU A 146 7.91 3.60 10.26
C LEU A 146 7.19 2.81 11.37
N GLY A 147 5.88 3.03 11.52
CA GLY A 147 5.02 2.34 12.50
C GLY A 147 5.71 2.18 13.84
N ALA A 148 6.25 3.28 14.38
CA ALA A 148 6.99 3.34 15.65
C ALA A 148 6.06 3.83 16.78
N ILE A 149 6.43 3.56 18.04
CA ILE A 149 5.67 3.95 19.26
C ILE A 149 6.47 5.01 20.02
N PHE A 150 5.79 6.00 20.60
CA PHE A 150 6.39 7.09 21.41
C PHE A 150 7.39 6.50 22.41
N LYS A 155 12.13 8.88 27.30
CA LYS A 155 13.50 9.25 26.85
C LYS A 155 13.42 10.22 25.67
N TRP A 156 12.61 9.87 24.65
CA TRP A 156 12.39 10.67 23.42
C TRP A 156 10.90 10.64 23.06
N LYS A 157 10.37 11.75 22.53
CA LYS A 157 8.93 11.91 22.16
C LYS A 157 8.80 11.92 20.63
N SER A 158 9.91 12.06 19.91
CA SER A 158 9.99 12.07 18.42
C SER A 158 11.14 11.17 17.96
N ALA A 159 10.96 10.54 16.80
CA ALA A 159 11.95 9.62 16.17
C ALA A 159 13.29 10.36 16.02
N ARG A 160 13.23 11.64 15.63
CA ARG A 160 14.42 12.51 15.42
C ARG A 160 15.27 12.57 16.70
N GLU A 161 14.63 12.53 17.87
CA GLU A 161 15.29 12.59 19.22
C GLU A 161 16.12 11.33 19.44
N ALA A 162 15.55 10.16 19.15
CA ALA A 162 16.19 8.84 19.31
C ALA A 162 17.44 8.77 18.42
N VAL A 163 17.29 9.11 17.14
CA VAL A 163 18.35 8.97 16.09
C VAL A 163 19.38 10.10 16.26
N GLU A 164 19.14 11.01 17.21
CA GLU A 164 20.06 12.13 17.57
C GLU A 164 20.62 11.90 18.97
N ASP A 165 20.39 10.71 19.54
CA ASP A 165 20.83 10.33 20.91
C ASP A 165 21.62 9.01 20.86
N SER A 166 22.95 9.11 20.94
CA SER A 166 23.89 7.95 20.92
C SER A 166 23.50 6.95 22.01
N GLY A 167 22.52 7.31 22.85
CA GLY A 167 21.92 6.43 23.87
C GLY A 167 20.82 5.58 23.25
N PHE A 168 20.10 6.15 22.28
CA PHE A 168 19.11 5.45 21.42
C PHE A 168 19.84 4.39 20.58
N TRP A 169 20.98 4.76 19.99
CA TRP A 169 21.81 3.86 19.14
C TRP A 169 22.60 2.88 20.01
N GLU A 170 22.60 3.09 21.34
CA GLU A 170 23.32 2.21 22.31
C GLU A 170 22.42 1.02 22.67
N LEU A 171 21.10 1.21 22.60
CA LEU A 171 20.07 0.19 22.95
C LEU A 171 20.04 -0.91 21.87
N VAL A 172 20.20 -0.51 20.61
CA VAL A 172 20.05 -1.39 19.41
C VAL A 172 21.13 -2.49 19.45
N ASP A 173 22.39 -2.11 19.66
CA ASP A 173 23.53 -3.06 19.60
C ASP A 173 23.33 -4.17 20.63
N LYS A 174 22.83 -3.85 21.83
CA LYS A 174 22.55 -4.89 22.85
C LYS A 174 21.61 -5.93 22.23
N GLU A 175 20.44 -5.49 21.75
CA GLU A 175 19.44 -6.36 21.07
C GLU A 175 20.06 -6.89 19.78
N ARG A 176 20.77 -6.04 19.04
CA ARG A 176 21.48 -6.43 17.79
C ARG A 176 22.44 -7.58 18.11
N ASN A 177 23.24 -7.45 19.17
CA ASN A 177 24.13 -8.54 19.65
C ASN A 177 23.30 -9.71 20.19
N LEU A 178 22.15 -9.45 20.84
CA LEU A 178 21.20 -10.53 21.24
C LEU A 178 20.71 -11.27 19.98
N HIS A 179 20.32 -10.57 18.91
CA HIS A 179 19.89 -11.21 17.63
C HIS A 179 21.03 -12.05 17.03
N LEU A 180 22.27 -11.52 16.93
CA LEU A 180 23.46 -12.28 16.45
C LEU A 180 23.65 -13.54 17.30
N GLU A 181 23.23 -13.49 18.57
CA GLU A 181 23.27 -14.60 19.55
C GLU A 181 21.97 -15.42 19.51
N GLY A 182 21.03 -15.10 18.60
CA GLY A 182 19.81 -15.90 18.37
C GLY A 182 18.73 -15.70 19.43
N LYS A 183 18.74 -14.56 20.13
CA LYS A 183 17.78 -14.24 21.22
C LYS A 183 17.19 -12.85 20.97
N CYS A 184 16.08 -12.52 21.65
CA CYS A 184 15.31 -11.25 21.51
C CYS A 184 14.80 -10.81 22.89
N GLU A 185 14.87 -9.52 23.23
CA GLU A 185 14.41 -8.99 24.55
C GLU A 185 13.36 -7.90 24.37
N THR A 186 13.42 -7.09 23.31
CA THR A 186 12.63 -5.84 23.22
C THR A 186 11.81 -5.74 21.92
N CYS A 187 11.83 -6.74 21.03
CA CYS A 187 11.07 -6.69 19.73
C CYS A 187 9.62 -7.17 19.95
N VAL A 188 8.78 -6.27 20.47
CA VAL A 188 7.38 -6.62 20.81
C VAL A 188 6.42 -5.73 20.01
N TYR A 189 5.31 -6.30 19.56
CA TYR A 189 4.36 -5.53 18.72
C TYR A 189 3.27 -4.90 19.58
N ASN A 190 2.79 -3.73 19.16
CA ASN A 190 1.65 -3.07 19.86
C ASN A 190 0.51 -2.99 18.84
N MET A 191 -0.54 -3.80 19.03
CA MET A 191 -1.62 -3.88 18.01
C MET A 191 -2.46 -2.60 17.99
N MET A 192 -2.38 -1.84 16.89
CA MET A 192 -3.13 -0.57 16.77
C MET A 192 -3.20 -0.17 15.28
N ALA A 210 -4.88 -2.48 10.06
CA ALA A 210 -4.14 -3.42 10.94
C ALA A 210 -2.65 -3.03 10.95
N ILE A 211 -2.22 -2.31 11.98
CA ILE A 211 -0.83 -1.77 12.15
C ILE A 211 -0.30 -2.21 13.51
N TRP A 212 0.65 -3.14 13.51
CA TRP A 212 1.38 -3.60 14.73
C TRP A 212 2.64 -2.73 14.89
N TYR A 213 2.54 -1.65 15.67
CA TYR A 213 3.63 -0.69 15.95
C TYR A 213 4.69 -1.38 16.84
N MET A 214 5.90 -0.82 16.87
CA MET A 214 7.07 -1.32 17.63
C MET A 214 7.93 -0.14 18.06
N TRP A 215 8.84 -0.33 19.02
CA TRP A 215 9.84 0.70 19.41
C TRP A 215 10.81 0.91 18.23
N LEU A 216 11.19 2.18 17.99
CA LEU A 216 11.97 2.63 16.81
C LEU A 216 13.17 1.70 16.60
N GLY A 217 13.79 1.24 17.68
CA GLY A 217 14.91 0.27 17.66
C GLY A 217 14.60 -1.05 16.99
N ALA A 218 13.44 -1.66 17.27
CA ALA A 218 12.99 -2.90 16.60
C ALA A 218 12.77 -2.64 15.10
N ARG A 219 12.21 -1.47 14.76
CA ARG A 219 11.98 -1.00 13.37
C ARG A 219 13.33 -0.90 12.65
N PHE A 220 14.34 -0.35 13.31
CA PHE A 220 15.68 -0.18 12.72
C PHE A 220 16.25 -1.54 12.32
N LEU A 221 16.24 -2.49 13.27
CA LEU A 221 16.77 -3.86 13.08
C LEU A 221 16.05 -4.53 11.90
N GLU A 222 14.73 -4.36 11.82
CA GLU A 222 13.93 -4.90 10.67
C GLU A 222 14.44 -4.22 9.38
N PHE A 223 14.68 -2.91 9.41
CA PHE A 223 15.05 -2.13 8.19
C PHE A 223 16.46 -2.52 7.75
N GLU A 224 17.34 -2.72 8.72
CA GLU A 224 18.76 -3.08 8.44
C GLU A 224 18.79 -4.42 7.71
N ALA A 225 17.92 -5.37 8.09
CA ALA A 225 18.01 -6.74 7.60
C ALA A 225 17.23 -6.89 6.29
N LEU A 226 16.10 -6.20 6.13
CA LEU A 226 15.08 -6.53 5.06
C LEU A 226 14.68 -5.29 4.27
N GLY A 227 15.21 -4.11 4.59
CA GLY A 227 14.89 -2.86 3.90
C GLY A 227 15.31 -2.87 2.45
N PHE A 228 16.33 -3.67 2.13
CA PHE A 228 16.86 -3.77 0.74
C PHE A 228 15.73 -4.14 -0.23
N LEU A 229 14.74 -4.93 0.21
CA LEU A 229 13.64 -5.32 -0.72
C LEU A 229 12.97 -4.08 -1.31
N ASN A 230 12.71 -3.07 -0.48
CA ASN A 230 12.09 -1.80 -0.92
C ASN A 230 13.15 -0.80 -1.41
N GLU A 231 14.23 -0.61 -0.67
CA GLU A 231 15.23 0.44 -1.03
C GLU A 231 15.85 0.15 -2.39
N ASP A 232 16.04 -1.13 -2.77
CA ASP A 232 16.69 -1.54 -4.04
C ASP A 232 15.68 -2.14 -5.03
N HIS A 233 14.39 -1.90 -4.79
CA HIS A 233 13.31 -2.06 -5.80
C HIS A 233 13.24 -3.50 -6.31
N TRP A 234 13.24 -4.46 -5.43
CA TRP A 234 13.16 -5.90 -5.78
C TRP A 234 11.82 -6.20 -6.52
N PHE A 235 10.76 -5.45 -6.20
CA PHE A 235 9.39 -5.67 -6.75
C PHE A 235 9.05 -4.65 -7.85
N SER A 236 10.05 -3.92 -8.37
CA SER A 236 9.90 -3.12 -9.61
C SER A 236 9.38 -4.02 -10.74
N ARG A 237 8.61 -3.49 -11.68
CA ARG A 237 8.16 -4.34 -12.82
C ARG A 237 9.36 -4.91 -13.60
N GLU A 238 10.42 -4.10 -13.78
CA GLU A 238 11.61 -4.55 -14.54
C GLU A 238 12.23 -5.79 -13.87
N ASN A 239 12.29 -5.80 -12.54
CA ASN A 239 12.97 -6.92 -11.82
C ASN A 239 12.02 -8.09 -11.54
N SER A 240 10.75 -7.82 -11.20
CA SER A 240 9.81 -8.90 -10.77
C SER A 240 8.83 -9.32 -11.87
N LEU A 241 8.66 -8.51 -12.91
CA LEU A 241 7.75 -8.82 -14.07
C LEU A 241 6.26 -8.68 -13.68
N SER A 242 5.87 -9.17 -12.50
CA SER A 242 4.47 -9.06 -12.03
C SER A 242 4.30 -7.81 -11.17
N GLY A 243 5.38 -7.33 -10.56
CA GLY A 243 5.28 -6.20 -9.62
C GLY A 243 5.05 -4.84 -10.23
N VAL A 244 4.71 -3.86 -9.39
CA VAL A 244 4.47 -2.46 -9.83
C VAL A 244 5.11 -1.53 -8.78
N GLU A 245 6.06 -2.01 -7.98
CA GLU A 245 6.63 -1.12 -6.91
C GLU A 245 7.33 0.06 -7.58
N GLY A 246 7.02 1.26 -7.12
CA GLY A 246 7.63 2.49 -7.69
C GLY A 246 7.04 2.97 -9.00
N GLU A 247 6.00 2.27 -9.50
CA GLU A 247 5.45 2.54 -10.84
C GLU A 247 4.85 3.94 -10.89
N GLY A 248 3.85 4.19 -10.04
CA GLY A 248 3.07 5.45 -10.08
C GLY A 248 1.68 5.24 -10.70
N LEU A 249 0.69 5.96 -10.19
N LEU A 249 0.67 5.94 -10.16
CA LEU A 249 -0.73 5.79 -10.60
CA LEU A 249 -0.75 5.82 -10.61
C LEU A 249 -0.89 6.10 -12.10
C LEU A 249 -0.82 6.03 -12.11
N HIS A 250 -0.03 6.97 -12.65
CA HIS A 250 -0.04 7.33 -14.09
C HIS A 250 0.50 6.21 -14.98
N LYS A 251 1.09 5.15 -14.40
CA LYS A 251 1.65 4.03 -15.18
C LYS A 251 0.72 2.81 -15.06
N LEU A 252 -0.07 2.70 -14.00
CA LEU A 252 -0.79 1.41 -13.74
C LEU A 252 -1.79 1.09 -14.84
N GLY A 253 -2.48 2.09 -15.41
CA GLY A 253 -3.45 1.79 -16.49
C GLY A 253 -2.73 1.29 -17.74
N TYR A 254 -1.61 1.93 -18.10
CA TYR A 254 -0.81 1.45 -19.24
C TYR A 254 -0.32 0.00 -19.01
N ILE A 255 0.09 -0.32 -17.80
CA ILE A 255 0.53 -1.69 -17.45
C ILE A 255 -0.64 -2.67 -17.63
N LEU A 256 -1.84 -2.35 -17.16
CA LEU A 256 -2.99 -3.26 -17.33
C LEU A 256 -3.34 -3.40 -18.82
N ARG A 257 -3.26 -2.30 -19.60
CA ARG A 257 -3.53 -2.36 -21.06
C ARG A 257 -2.50 -3.30 -21.72
N ASP A 258 -1.25 -3.26 -21.28
CA ASP A 258 -0.19 -4.15 -21.85
C ASP A 258 -0.50 -5.63 -21.50
N VAL A 259 -0.94 -5.93 -20.29
CA VAL A 259 -1.38 -7.30 -19.90
C VAL A 259 -2.54 -7.71 -20.81
N SER A 260 -3.47 -6.80 -21.09
CA SER A 260 -4.66 -7.07 -21.93
C SER A 260 -4.29 -7.53 -23.35
N LYS A 261 -3.12 -7.09 -23.85
CA LYS A 261 -2.60 -7.36 -25.22
C LYS A 261 -2.27 -8.85 -25.39
N LYS A 262 -1.91 -9.53 -24.31
CA LYS A 262 -1.49 -10.95 -24.35
C LYS A 262 -2.66 -11.79 -24.84
N GLU A 263 -2.40 -12.87 -25.56
CA GLU A 263 -3.49 -13.83 -25.89
C GLU A 263 -3.88 -14.52 -24.58
N GLY A 264 -5.16 -14.74 -24.35
CA GLY A 264 -5.57 -15.62 -23.24
C GLY A 264 -7.00 -15.40 -22.84
N GLY A 265 -7.34 -15.71 -21.60
CA GLY A 265 -8.75 -15.65 -21.18
C GLY A 265 -9.13 -14.27 -20.65
N ALA A 266 -10.13 -14.24 -19.78
CA ALA A 266 -10.62 -13.04 -19.10
C ALA A 266 -9.52 -12.51 -18.17
N MET A 267 -9.65 -11.26 -17.71
CA MET A 267 -8.75 -10.73 -16.64
C MET A 267 -9.41 -10.99 -15.29
N TYR A 268 -8.73 -11.69 -14.39
CA TYR A 268 -9.24 -12.04 -13.06
C TYR A 268 -8.64 -11.08 -12.03
N ALA A 269 -9.47 -10.58 -11.13
CA ALA A 269 -9.02 -9.65 -10.08
C ALA A 269 -9.67 -10.04 -8.75
N ASP A 270 -9.35 -11.23 -8.26
CA ASP A 270 -10.06 -11.75 -7.06
C ASP A 270 -9.40 -11.11 -5.84
N ASP A 271 -10.18 -10.57 -4.93
CA ASP A 271 -9.66 -10.06 -3.63
C ASP A 271 -9.64 -11.23 -2.64
N THR A 272 -8.62 -11.30 -1.78
CA THR A 272 -8.59 -12.28 -0.66
C THR A 272 -9.36 -11.69 0.52
N ALA A 273 -10.09 -12.52 1.25
CA ALA A 273 -10.68 -12.14 2.56
C ALA A 273 -9.58 -12.08 3.63
N GLY A 274 -9.15 -10.88 4.03
CA GLY A 274 -8.23 -10.64 5.16
C GLY A 274 -6.87 -11.27 4.94
N TRP A 275 -6.23 -10.89 3.85
CA TRP A 275 -4.93 -11.48 3.41
C TRP A 275 -3.94 -11.67 4.59
N ASP A 276 -3.66 -10.66 5.38
CA ASP A 276 -2.60 -10.69 6.44
C ASP A 276 -2.93 -11.79 7.47
N THR A 277 -4.21 -12.09 7.69
CA THR A 277 -4.64 -13.14 8.65
C THR A 277 -4.55 -14.56 8.06
N ARG A 278 -4.38 -14.68 6.73
CA ARG A 278 -4.36 -15.99 6.01
C ARG A 278 -2.91 -16.43 5.74
N ILE A 279 -1.93 -15.61 6.13
CA ILE A 279 -0.48 -15.95 5.99
C ILE A 279 -0.17 -17.11 6.94
N THR A 280 0.27 -18.25 6.41
CA THR A 280 0.50 -19.47 7.20
C THR A 280 1.95 -19.53 7.64
N LEU A 281 2.26 -20.42 8.58
CA LEU A 281 3.65 -20.59 9.06
C LEU A 281 4.51 -21.08 7.88
N GLU A 282 3.93 -21.87 6.97
CA GLU A 282 4.61 -22.32 5.72
C GLU A 282 4.97 -21.10 4.86
N ASP A 283 3.99 -20.23 4.57
CA ASP A 283 4.26 -18.94 3.86
C ASP A 283 5.52 -18.22 4.45
N LEU A 284 5.57 -18.06 5.78
CA LEU A 284 6.73 -17.42 6.47
C LEU A 284 8.02 -18.19 6.16
N LYS A 285 7.97 -19.53 6.25
CA LYS A 285 9.13 -20.41 5.92
C LYS A 285 9.61 -20.07 4.50
N ASN A 286 8.70 -20.03 3.53
CA ASN A 286 9.06 -19.78 2.12
C ASN A 286 9.60 -18.35 1.96
N GLU A 287 9.06 -17.36 2.67
CA GLU A 287 9.55 -15.97 2.62
C GLU A 287 10.99 -15.92 3.19
N GLU A 288 11.24 -16.67 4.27
CA GLU A 288 12.55 -16.73 4.99
C GLU A 288 13.66 -17.20 4.05
N MET A 289 13.34 -17.96 3.00
CA MET A 289 14.35 -18.45 2.03
C MET A 289 15.11 -17.32 1.32
N VAL A 290 14.68 -16.05 1.44
CA VAL A 290 15.50 -14.95 0.89
C VAL A 290 16.87 -14.97 1.58
N THR A 291 16.93 -15.44 2.82
CA THR A 291 18.24 -15.51 3.59
C THR A 291 19.25 -16.47 2.95
N ASN A 292 18.78 -17.42 2.13
CA ASN A 292 19.67 -18.37 1.39
C ASN A 292 20.57 -17.64 0.41
N HIS A 293 20.25 -16.38 0.08
CA HIS A 293 20.98 -15.54 -0.90
C HIS A 293 21.88 -14.52 -0.19
N MET A 294 21.95 -14.57 1.13
CA MET A 294 22.72 -13.58 1.92
C MET A 294 24.00 -14.25 2.45
N GLU A 295 24.85 -13.49 3.12
CA GLU A 295 26.13 -13.97 3.71
C GLU A 295 26.48 -13.11 4.91
N GLY A 296 27.40 -13.60 5.76
CA GLY A 296 28.03 -12.83 6.84
C GLY A 296 27.05 -12.45 7.93
N GLU A 297 27.26 -11.26 8.51
CA GLU A 297 26.40 -10.59 9.52
C GLU A 297 24.97 -10.52 8.96
N HIS A 298 24.81 -9.97 7.77
CA HIS A 298 23.47 -9.77 7.13
C HIS A 298 22.65 -11.05 7.26
N LYS A 299 23.17 -12.19 6.83
CA LYS A 299 22.44 -13.47 6.85
C LYS A 299 21.93 -13.74 8.26
N LYS A 300 22.76 -13.52 9.28
CA LYS A 300 22.38 -13.86 10.69
C LYS A 300 21.37 -12.83 11.19
N LEU A 301 21.52 -11.56 10.81
CA LEU A 301 20.59 -10.51 11.28
C LEU A 301 19.19 -10.75 10.65
N ALA A 302 19.10 -11.15 9.38
CA ALA A 302 17.83 -11.41 8.67
C ALA A 302 17.20 -12.70 9.21
N GLU A 303 18.00 -13.74 9.41
CA GLU A 303 17.52 -15.04 9.97
C GLU A 303 16.87 -14.79 11.34
N ALA A 304 17.37 -13.85 12.12
CA ALA A 304 16.83 -13.54 13.47
C ALA A 304 15.51 -12.76 13.33
N ILE A 305 15.42 -11.79 12.44
CA ILE A 305 14.14 -11.07 12.20
C ILE A 305 13.08 -12.14 11.89
N PHE A 306 13.32 -13.07 10.97
CA PHE A 306 12.29 -14.05 10.54
C PHE A 306 11.93 -15.00 11.70
N LYS A 307 12.94 -15.56 12.38
CA LYS A 307 12.78 -16.57 13.46
C LYS A 307 12.14 -15.92 14.69
N LEU A 308 12.68 -14.80 15.16
CA LEU A 308 12.34 -14.25 16.49
C LEU A 308 11.14 -13.33 16.51
N THR A 309 10.91 -12.58 15.43
CA THR A 309 9.87 -11.51 15.33
C THR A 309 8.69 -11.98 14.47
N TYR A 310 8.96 -12.65 13.35
CA TYR A 310 7.90 -12.98 12.33
C TYR A 310 7.24 -14.34 12.61
N GLN A 311 8.03 -15.36 12.93
CA GLN A 311 7.56 -16.75 13.13
C GLN A 311 7.23 -17.02 14.61
N ASN A 312 7.40 -16.02 15.49
CA ASN A 312 7.17 -16.15 16.96
C ASN A 312 6.96 -14.76 17.57
N LYS A 313 5.76 -14.18 17.43
CA LYS A 313 5.47 -12.75 17.75
C LYS A 313 4.98 -12.61 19.19
N VAL A 314 5.25 -11.45 19.80
CA VAL A 314 4.76 -11.03 21.14
C VAL A 314 4.07 -9.70 20.89
N VAL A 315 2.79 -9.62 21.30
CA VAL A 315 1.98 -8.42 20.98
C VAL A 315 1.30 -7.87 22.24
N ARG A 316 1.15 -6.54 22.30
CA ARG A 316 0.44 -5.89 23.44
C ARG A 316 -0.86 -5.30 22.91
N VAL A 317 -1.99 -5.60 23.55
CA VAL A 317 -3.32 -5.15 23.03
C VAL A 317 -4.16 -4.55 24.16
N GLN A 318 -4.79 -3.38 23.92
CA GLN A 318 -5.70 -2.73 24.89
C GLN A 318 -7.06 -3.42 24.84
N ARG A 319 -7.53 -3.89 25.99
CA ARG A 319 -8.91 -4.42 26.23
C ARG A 319 -9.64 -3.47 27.18
N PRO A 320 -10.82 -2.90 26.80
CA PRO A 320 -11.58 -2.00 27.67
C PRO A 320 -12.08 -2.60 29.01
N THR A 321 -12.22 -3.92 29.08
CA THR A 321 -12.68 -4.68 30.29
C THR A 321 -11.79 -4.35 31.49
N THR A 325 -9.61 -0.56 31.30
CA THR A 325 -8.53 -0.62 30.28
C THR A 325 -7.32 -1.36 30.89
N VAL A 326 -7.09 -2.60 30.45
CA VAL A 326 -5.85 -3.37 30.79
C VAL A 326 -5.01 -3.52 29.51
N MET A 327 -3.85 -4.16 29.63
CA MET A 327 -2.96 -4.54 28.50
C MET A 327 -2.77 -6.05 28.52
N ASP A 328 -3.18 -6.75 27.46
CA ASP A 328 -2.98 -8.21 27.28
C ASP A 328 -1.67 -8.46 26.53
N ILE A 329 -0.88 -9.44 26.99
CA ILE A 329 0.37 -9.90 26.35
C ILE A 329 0.07 -11.26 25.74
N ILE A 330 0.01 -11.30 24.40
CA ILE A 330 -0.39 -12.52 23.64
C ILE A 330 0.70 -12.89 22.64
N SER A 331 0.70 -14.13 22.16
CA SER A 331 1.70 -14.63 21.19
C SER A 331 1.04 -15.52 20.14
N ARG A 332 1.57 -15.50 18.93
CA ARG A 332 1.14 -16.36 17.80
C ARG A 332 2.29 -16.42 16.79
N ARG A 333 2.42 -17.57 16.13
CA ARG A 333 3.56 -17.81 15.21
C ARG A 333 3.17 -17.49 13.77
N ASP A 334 1.88 -17.52 13.44
CA ASP A 334 1.46 -17.32 12.03
C ASP A 334 0.85 -15.93 11.85
N GLN A 335 0.39 -15.62 10.63
CA GLN A 335 -0.21 -14.29 10.30
C GLN A 335 0.89 -13.27 10.03
N ARG A 336 0.55 -12.19 9.32
CA ARG A 336 1.53 -11.11 9.03
C ARG A 336 1.44 -10.05 10.12
N GLY A 337 2.58 -9.61 10.66
CA GLY A 337 2.59 -8.57 11.70
C GLY A 337 3.84 -7.71 11.61
N SER A 338 4.54 -7.76 10.48
CA SER A 338 5.81 -7.00 10.30
C SER A 338 5.54 -5.52 10.02
N GLY A 339 6.59 -4.77 9.69
CA GLY A 339 6.41 -3.36 9.30
C GLY A 339 5.67 -3.23 7.98
N GLN A 340 4.97 -2.11 7.77
CA GLN A 340 4.15 -1.88 6.55
C GLN A 340 5.01 -2.07 5.28
N VAL A 341 6.21 -1.47 5.23
CA VAL A 341 7.07 -1.51 4.02
C VAL A 341 7.47 -2.96 3.74
N VAL A 342 8.01 -3.66 4.75
CA VAL A 342 8.38 -5.11 4.62
C VAL A 342 7.12 -5.93 4.32
N THR A 343 6.02 -5.66 5.02
CA THR A 343 4.72 -6.34 4.76
C THR A 343 4.39 -6.25 3.26
N TYR A 344 4.58 -5.08 2.63
CA TYR A 344 4.20 -4.89 1.23
C TYR A 344 5.01 -5.84 0.35
N GLY A 345 6.34 -5.90 0.53
CA GLY A 345 7.20 -6.71 -0.36
C GLY A 345 6.96 -8.20 -0.14
N LEU A 346 6.77 -8.65 1.10
CA LEU A 346 6.55 -10.08 1.34
C LEU A 346 5.14 -10.51 0.88
N ASN A 347 4.13 -9.66 1.07
CA ASN A 347 2.76 -9.89 0.50
C ASN A 347 2.88 -10.01 -1.01
N THR A 348 3.61 -9.10 -1.70
CA THR A 348 3.78 -9.16 -3.17
C THR A 348 4.43 -10.50 -3.54
N PHE A 349 5.49 -10.90 -2.81
CA PHE A 349 6.19 -12.17 -3.09
C PHE A 349 5.24 -13.37 -2.99
N THR A 350 4.51 -13.47 -1.89
CA THR A 350 3.67 -14.63 -1.58
C THR A 350 2.46 -14.63 -2.52
N ASN A 351 1.97 -13.45 -2.90
CA ASN A 351 0.84 -13.34 -3.87
C ASN A 351 1.34 -13.80 -5.25
N MET A 352 2.57 -13.40 -5.67
CA MET A 352 3.12 -13.82 -6.96
C MET A 352 3.19 -15.36 -6.94
N GLU A 353 3.65 -15.90 -5.84
CA GLU A 353 3.81 -17.39 -5.68
C GLU A 353 2.44 -18.05 -5.84
N ALA A 354 1.46 -17.60 -5.08
CA ALA A 354 0.10 -18.16 -5.06
C ALA A 354 -0.53 -18.10 -6.44
N GLN A 355 -0.39 -16.97 -7.16
CA GLN A 355 -1.03 -16.83 -8.49
C GLN A 355 -0.31 -17.67 -9.54
N LEU A 356 1.02 -17.88 -9.47
CA LEU A 356 1.68 -18.80 -10.42
C LEU A 356 1.14 -20.22 -10.18
N ILE A 357 0.93 -20.59 -8.94
CA ILE A 357 0.43 -21.97 -8.62
C ILE A 357 -1.02 -22.08 -9.12
N ARG A 358 -1.83 -21.05 -8.93
CA ARG A 358 -3.19 -21.09 -9.50
C ARG A 358 -3.11 -21.21 -11.02
N GLN A 359 -2.23 -20.47 -11.71
CA GLN A 359 -2.02 -20.63 -13.15
C GLN A 359 -1.58 -22.10 -13.44
N MET A 360 -0.67 -22.68 -12.66
CA MET A 360 -0.21 -24.08 -12.95
C MET A 360 -1.45 -24.99 -12.84
N GLU A 361 -2.28 -24.77 -11.81
CA GLU A 361 -3.48 -25.63 -11.62
C GLU A 361 -4.37 -25.54 -12.85
N GLY A 362 -4.62 -24.34 -13.37
CA GLY A 362 -5.51 -24.18 -14.53
C GLY A 362 -4.93 -24.87 -15.79
N GLU A 363 -3.60 -24.89 -15.91
CA GLU A 363 -2.93 -25.43 -17.11
C GLU A 363 -2.74 -26.96 -16.97
N GLY A 364 -3.14 -27.56 -15.86
CA GLY A 364 -3.02 -29.02 -15.66
C GLY A 364 -1.60 -29.47 -15.40
N VAL A 365 -0.75 -28.64 -14.78
CA VAL A 365 0.68 -29.02 -14.55
C VAL A 365 0.76 -30.13 -13.49
N PHE A 366 -0.20 -30.12 -12.55
CA PHE A 366 -0.46 -31.19 -11.54
C PHE A 366 -1.97 -31.49 -11.57
N LYS A 367 -2.40 -32.55 -10.87
CA LYS A 367 -3.81 -33.02 -10.89
C LYS A 367 -4.44 -32.95 -9.49
N SER A 368 -3.64 -33.13 -8.45
CA SER A 368 -4.13 -33.07 -7.04
C SER A 368 -3.06 -32.51 -6.09
N ILE A 369 -3.54 -31.73 -5.11
CA ILE A 369 -2.76 -31.04 -4.06
C ILE A 369 -2.44 -32.00 -2.90
N GLN A 370 -3.03 -33.20 -2.94
CA GLN A 370 -2.79 -34.24 -1.90
C GLN A 370 -1.32 -34.68 -1.98
N HIS A 371 -0.83 -34.95 -3.20
CA HIS A 371 0.48 -35.60 -3.44
C HIS A 371 1.02 -35.22 -4.82
N LEU A 372 2.28 -34.76 -4.86
CA LEU A 372 3.02 -34.40 -6.10
C LEU A 372 4.04 -35.51 -6.40
N THR A 373 3.80 -36.31 -7.43
CA THR A 373 4.71 -37.37 -7.93
C THR A 373 6.02 -36.70 -8.36
N VAL A 374 7.15 -37.39 -8.16
CA VAL A 374 8.52 -36.87 -8.45
C VAL A 374 8.54 -36.37 -9.90
N THR A 375 7.79 -37.06 -10.78
CA THR A 375 7.62 -36.71 -12.22
C THR A 375 7.02 -35.31 -12.34
N GLU A 376 5.90 -35.04 -11.66
CA GLU A 376 5.23 -33.73 -11.63
C GLU A 376 6.20 -32.70 -11.06
N GLU A 377 6.87 -33.03 -9.95
CA GLU A 377 7.88 -32.16 -9.30
C GLU A 377 8.83 -31.63 -10.39
N ILE A 378 9.16 -32.50 -11.35
CA ILE A 378 10.04 -32.16 -12.51
C ILE A 378 9.22 -31.40 -13.56
N ALA A 379 7.93 -31.72 -13.69
CA ALA A 379 7.01 -31.00 -14.61
C ALA A 379 6.82 -29.54 -14.10
N VAL A 380 6.60 -29.37 -12.80
CA VAL A 380 6.44 -28.04 -12.13
C VAL A 380 7.73 -27.24 -12.34
N LYS A 381 8.89 -27.87 -12.07
CA LYS A 381 10.23 -27.25 -12.31
C LYS A 381 10.36 -26.80 -13.77
N ASN A 382 10.12 -27.71 -14.71
CA ASN A 382 10.33 -27.44 -16.16
C ASN A 382 9.32 -26.38 -16.63
N TRP A 383 8.13 -26.32 -16.03
CA TRP A 383 7.13 -25.25 -16.37
C TRP A 383 7.72 -23.86 -15.99
N LEU A 384 8.22 -23.76 -14.77
CA LEU A 384 8.83 -22.50 -14.24
C LEU A 384 10.00 -22.03 -15.12
N VAL A 385 10.94 -22.93 -15.44
CA VAL A 385 12.13 -22.63 -16.27
C VAL A 385 11.68 -22.26 -17.69
N ARG A 386 10.71 -22.99 -18.26
CA ARG A 386 10.28 -22.80 -19.67
C ARG A 386 9.39 -21.55 -19.82
N VAL A 387 8.39 -21.35 -18.95
CA VAL A 387 7.39 -20.27 -19.19
C VAL A 387 7.18 -19.38 -17.96
N GLY A 388 7.86 -19.63 -16.83
CA GLY A 388 7.64 -18.90 -15.56
C GLY A 388 7.69 -17.39 -15.77
N ARG A 389 8.71 -16.88 -16.47
CA ARG A 389 8.85 -15.42 -16.72
C ARG A 389 7.65 -14.89 -17.53
N GLU A 390 7.20 -15.62 -18.56
CA GLU A 390 6.05 -15.20 -19.40
C GLU A 390 4.81 -15.11 -18.50
N ARG A 391 4.63 -16.10 -17.62
CA ARG A 391 3.44 -16.18 -16.74
C ARG A 391 3.44 -14.98 -15.78
N LEU A 392 4.58 -14.62 -15.19
CA LEU A 392 4.69 -13.47 -14.24
C LEU A 392 4.30 -12.18 -15.00
N SER A 393 4.62 -12.09 -16.31
CA SER A 393 4.31 -10.91 -17.13
C SER A 393 2.80 -10.81 -17.40
N ARG A 394 2.05 -11.89 -17.17
CA ARG A 394 0.57 -11.93 -17.38
C ARG A 394 -0.13 -11.39 -16.13
N MET A 395 0.60 -10.73 -15.23
CA MET A 395 0.04 -10.33 -13.92
C MET A 395 0.53 -8.94 -13.49
N ALA A 396 -0.31 -8.26 -12.70
CA ALA A 396 0.03 -7.01 -12.02
C ALA A 396 -0.33 -7.24 -10.56
N ILE A 397 0.68 -7.21 -9.68
CA ILE A 397 0.54 -7.57 -8.27
C ILE A 397 1.15 -6.46 -7.38
N SER A 398 0.30 -5.96 -6.48
CA SER A 398 0.59 -4.90 -5.51
C SER A 398 0.20 -5.41 -4.13
N GLY A 399 1.13 -6.04 -3.43
CA GLY A 399 0.79 -6.65 -2.13
C GLY A 399 -0.30 -7.70 -2.29
N ASP A 400 -1.40 -7.58 -1.56
CA ASP A 400 -2.52 -8.55 -1.62
C ASP A 400 -3.39 -8.33 -2.86
N ASP A 401 -3.14 -7.30 -3.64
CA ASP A 401 -4.00 -6.94 -4.81
C ASP A 401 -3.42 -7.54 -6.08
N CYS A 402 -4.20 -8.30 -6.86
CA CYS A 402 -3.69 -8.86 -8.13
C CYS A 402 -4.68 -8.70 -9.27
N VAL A 403 -4.13 -8.65 -10.46
CA VAL A 403 -4.82 -8.82 -11.76
C VAL A 403 -4.04 -9.88 -12.53
N VAL A 404 -4.75 -10.89 -13.05
CA VAL A 404 -4.11 -12.04 -13.75
C VAL A 404 -4.83 -12.22 -15.09
N LYS A 405 -4.09 -12.27 -16.20
CA LYS A 405 -4.63 -12.70 -17.51
C LYS A 405 -4.06 -14.08 -17.83
N PRO A 406 -4.74 -15.17 -17.41
CA PRO A 406 -4.22 -16.52 -17.62
C PRO A 406 -4.25 -16.93 -19.09
N LEU A 407 -3.59 -18.04 -19.40
CA LEU A 407 -3.54 -18.62 -20.77
C LEU A 407 -4.98 -18.86 -21.30
N ASP A 408 -5.93 -19.19 -20.44
CA ASP A 408 -7.34 -19.45 -20.84
C ASP A 408 -8.19 -19.45 -19.59
N ASP A 409 -9.49 -19.74 -19.72
CA ASP A 409 -10.43 -19.57 -18.59
C ASP A 409 -10.53 -20.82 -17.71
N ARG A 410 -9.69 -21.85 -17.91
CA ARG A 410 -9.67 -22.97 -16.92
C ARG A 410 -9.28 -22.43 -15.54
N PHE A 411 -8.48 -21.35 -15.50
CA PHE A 411 -8.09 -20.60 -14.28
C PHE A 411 -9.28 -20.29 -13.39
N ALA A 412 -10.43 -19.89 -13.95
CA ALA A 412 -11.64 -19.48 -13.21
C ALA A 412 -12.06 -20.54 -12.16
N SER A 413 -11.98 -21.83 -12.51
CA SER A 413 -12.43 -22.92 -11.61
C SER A 413 -11.24 -23.66 -11.02
N ALA A 414 -10.01 -23.17 -11.17
CA ALA A 414 -8.80 -23.81 -10.59
C ALA A 414 -8.65 -23.28 -9.16
N LEU A 415 -9.29 -23.91 -8.19
CA LEU A 415 -9.47 -23.36 -6.83
C LEU A 415 -8.85 -24.19 -5.69
N THR A 416 -8.40 -25.42 -5.95
CA THR A 416 -8.00 -26.38 -4.89
C THR A 416 -6.75 -25.85 -4.17
N ALA A 417 -5.71 -25.47 -4.92
CA ALA A 417 -4.45 -24.93 -4.33
C ALA A 417 -4.74 -23.59 -3.62
N LEU A 418 -5.49 -22.68 -4.26
CA LEU A 418 -5.75 -21.32 -3.70
C LEU A 418 -6.46 -21.45 -2.35
N ASN A 419 -7.48 -22.33 -2.27
CA ASN A 419 -8.25 -22.51 -1.01
C ASN A 419 -7.36 -23.22 0.01
N ASP A 420 -6.57 -24.19 -0.41
CA ASP A 420 -5.74 -25.02 0.52
C ASP A 420 -4.54 -24.21 1.05
N MET A 421 -4.07 -23.21 0.29
CA MET A 421 -3.01 -22.28 0.75
C MET A 421 -3.60 -21.30 1.78
N GLY A 422 -4.93 -21.26 1.93
CA GLY A 422 -5.71 -20.38 2.82
C GLY A 422 -6.07 -19.04 2.22
N LYS A 423 -5.80 -18.81 0.94
CA LYS A 423 -6.09 -17.50 0.27
C LYS A 423 -7.52 -17.51 -0.32
N VAL A 424 -8.49 -17.65 0.59
CA VAL A 424 -9.95 -17.75 0.30
C VAL A 424 -10.42 -16.41 -0.24
N ARG A 425 -11.13 -16.47 -1.36
CA ARG A 425 -11.58 -15.25 -2.07
C ARG A 425 -12.72 -14.56 -1.30
N LYS A 426 -12.79 -13.24 -1.42
CA LYS A 426 -13.84 -12.46 -0.71
C LYS A 426 -15.11 -12.38 -1.56
N ASP A 427 -16.28 -12.41 -0.92
CA ASP A 427 -17.56 -12.18 -1.64
C ASP A 427 -17.85 -13.23 -2.72
N ILE A 428 -17.52 -14.49 -2.47
CA ILE A 428 -17.86 -15.59 -3.43
C ILE A 428 -17.76 -16.91 -2.66
N GLN A 429 -18.53 -17.91 -3.10
CA GLN A 429 -18.51 -19.23 -2.42
C GLN A 429 -17.26 -20.02 -2.85
N GLN A 430 -16.82 -20.95 -2.00
CA GLN A 430 -15.44 -21.52 -2.04
C GLN A 430 -15.17 -22.24 -3.37
N TRP A 431 -16.18 -22.87 -3.98
CA TRP A 431 -16.00 -23.67 -5.23
C TRP A 431 -16.72 -23.01 -6.41
N GLU A 432 -17.33 -21.85 -6.16
CA GLU A 432 -17.96 -20.99 -7.20
C GLU A 432 -16.84 -20.43 -8.07
N PRO A 433 -16.83 -20.69 -9.39
CA PRO A 433 -15.77 -20.20 -10.27
C PRO A 433 -15.70 -18.68 -10.29
N SER A 434 -14.49 -18.11 -10.43
CA SER A 434 -14.29 -16.64 -10.41
C SER A 434 -15.00 -15.99 -11.60
N ARG A 435 -15.53 -14.79 -11.40
CA ARG A 435 -16.04 -13.90 -12.47
C ARG A 435 -14.85 -13.13 -13.07
N GLY A 436 -14.58 -13.26 -14.36
CA GLY A 436 -13.52 -12.48 -15.00
C GLY A 436 -14.05 -11.19 -15.61
N TRP A 437 -13.14 -10.34 -16.04
CA TRP A 437 -13.46 -9.08 -16.71
C TRP A 437 -13.08 -9.21 -18.18
N ASN A 438 -13.99 -8.80 -19.06
CA ASN A 438 -13.71 -8.87 -20.51
C ASN A 438 -13.03 -7.61 -21.02
N ASP A 439 -12.96 -6.54 -20.25
CA ASP A 439 -12.45 -5.24 -20.76
C ASP A 439 -11.50 -4.68 -19.69
N TRP A 440 -10.24 -4.46 -20.06
CA TRP A 440 -9.21 -3.94 -19.12
C TRP A 440 -9.64 -2.62 -18.46
N THR A 441 -10.50 -1.85 -19.12
CA THR A 441 -10.97 -0.53 -18.60
C THR A 441 -12.00 -0.73 -17.49
N GLN A 442 -12.47 -1.97 -17.25
CA GLN A 442 -13.42 -2.27 -16.15
C GLN A 442 -12.72 -2.92 -14.96
N VAL A 443 -11.51 -3.42 -15.11
CA VAL A 443 -10.79 -4.19 -14.05
C VAL A 443 -10.48 -3.28 -12.88
N PRO A 444 -10.79 -3.66 -11.63
CA PRO A 444 -10.32 -2.89 -10.48
C PRO A 444 -8.85 -3.21 -10.15
N PHE A 445 -8.06 -2.21 -9.77
CA PHE A 445 -6.67 -2.46 -9.29
C PHE A 445 -6.22 -1.27 -8.46
N CYS A 446 -5.68 -1.51 -7.26
CA CYS A 446 -5.15 -0.43 -6.37
C CYS A 446 -6.23 0.66 -6.16
N SER A 447 -7.47 0.25 -5.94
CA SER A 447 -8.65 1.08 -5.62
C SER A 447 -9.09 1.94 -6.82
N HIS A 448 -8.60 1.67 -8.01
CA HIS A 448 -8.92 2.47 -9.23
C HIS A 448 -9.48 1.58 -10.34
N HIS A 449 -10.02 2.23 -11.36
CA HIS A 449 -10.17 1.70 -12.72
C HIS A 449 -9.49 2.70 -13.65
N PHE A 450 -9.40 2.37 -14.91
CA PHE A 450 -8.59 3.15 -15.89
C PHE A 450 -9.37 3.40 -17.17
N HIS A 451 -9.26 4.64 -17.68
CA HIS A 451 -9.95 5.11 -18.90
C HIS A 451 -8.93 5.33 -20.02
N GLU A 452 -9.31 5.02 -21.27
CA GLU A 452 -8.54 5.40 -22.46
C GLU A 452 -9.07 6.76 -22.94
N LEU A 453 -8.24 7.79 -22.98
CA LEU A 453 -8.73 9.16 -23.23
C LEU A 453 -7.98 9.74 -24.41
N ILE A 454 -8.69 10.15 -25.47
CA ILE A 454 -8.03 10.59 -26.73
C ILE A 454 -7.92 12.12 -26.75
N MET A 455 -6.70 12.64 -26.84
CA MET A 455 -6.46 14.10 -26.92
C MET A 455 -6.94 14.61 -28.28
N LYS A 456 -7.36 15.87 -28.33
N LYS A 456 -7.34 15.88 -28.34
CA LYS A 456 -7.81 16.55 -29.58
CA LYS A 456 -7.81 16.55 -29.58
C LYS A 456 -6.77 16.33 -30.69
C LYS A 456 -6.76 16.32 -30.69
N ASP A 457 -5.48 16.22 -30.34
CA ASP A 457 -4.38 15.99 -31.32
C ASP A 457 -4.16 14.51 -31.66
N GLY A 458 -5.02 13.58 -31.21
CA GLY A 458 -4.89 12.15 -31.54
C GLY A 458 -4.09 11.31 -30.55
N ARG A 459 -3.29 11.89 -29.64
CA ARG A 459 -2.42 11.09 -28.75
C ARG A 459 -3.31 10.46 -27.65
N VAL A 460 -2.89 9.31 -27.15
CA VAL A 460 -3.70 8.47 -26.21
C VAL A 460 -3.16 8.55 -24.80
N LEU A 461 -4.03 8.94 -23.85
CA LEU A 461 -3.72 8.92 -22.42
C LEU A 461 -4.48 7.74 -21.77
N VAL A 462 -3.84 7.01 -20.91
CA VAL A 462 -4.53 6.01 -20.06
C VAL A 462 -4.47 6.54 -18.66
N VAL A 463 -5.63 6.90 -18.12
CA VAL A 463 -5.76 7.71 -16.88
C VAL A 463 -6.38 6.93 -15.74
N PRO A 464 -5.95 7.21 -14.51
CA PRO A 464 -6.54 6.61 -13.32
C PRO A 464 -7.85 7.30 -12.91
N CYS A 465 -8.74 6.54 -12.31
CA CYS A 465 -10.09 7.07 -11.93
C CYS A 465 -10.63 6.29 -10.74
N ARG A 466 -11.48 6.93 -9.94
CA ARG A 466 -12.34 6.24 -8.98
C ARG A 466 -13.52 7.14 -8.69
N ASN A 467 -14.51 6.59 -8.03
CA ASN A 467 -15.76 7.34 -7.78
C ASN A 467 -15.37 8.68 -7.11
N GLN A 468 -15.92 9.79 -7.56
CA GLN A 468 -15.40 11.14 -7.21
C GLN A 468 -15.75 11.46 -5.75
N ASP A 469 -16.81 10.86 -5.21
CA ASP A 469 -17.16 11.05 -3.78
C ASP A 469 -16.00 10.59 -2.90
N GLU A 470 -15.34 9.48 -3.28
CA GLU A 470 -14.21 8.91 -2.50
C GLU A 470 -13.04 9.91 -2.53
N LEU A 471 -12.79 10.50 -3.70
CA LEU A 471 -11.66 11.47 -3.83
C LEU A 471 -11.92 12.71 -3.00
N ILE A 472 -13.10 13.30 -3.12
CA ILE A 472 -13.44 14.54 -2.38
C ILE A 472 -13.50 14.26 -0.88
N GLY A 473 -14.10 13.14 -0.48
CA GLY A 473 -14.22 12.79 0.92
C GLY A 473 -12.86 12.60 1.58
N ARG A 474 -11.91 12.01 0.88
CA ARG A 474 -10.54 11.77 1.45
C ARG A 474 -9.78 13.11 1.56
N ALA A 475 -9.88 14.01 0.58
CA ALA A 475 -9.16 15.32 0.60
C ALA A 475 -9.70 16.22 1.73
N ARG A 476 -10.92 15.97 2.19
CA ARG A 476 -11.54 16.80 3.26
C ARG A 476 -11.12 16.30 4.65
N ILE A 477 -10.24 15.30 4.70
CA ILE A 477 -9.88 14.69 6.01
C ILE A 477 -8.40 14.85 6.33
N SER A 478 -8.09 15.23 7.58
N SER A 478 -8.09 15.23 7.58
CA SER A 478 -6.68 15.35 8.01
CA SER A 478 -6.67 15.34 8.01
C SER A 478 -6.49 14.45 9.23
C SER A 478 -6.48 14.47 9.24
N GLN A 479 -5.26 13.95 9.43
CA GLN A 479 -4.98 13.07 10.59
C GLN A 479 -4.02 13.78 11.54
N GLY A 480 -4.29 13.71 12.83
CA GLY A 480 -3.34 14.30 13.81
C GLY A 480 -3.76 15.62 14.41
N ALA A 481 -2.95 16.13 15.35
CA ALA A 481 -3.31 17.36 16.08
C ALA A 481 -2.30 18.49 15.87
N GLY A 482 -2.64 19.68 16.35
CA GLY A 482 -1.75 20.87 16.32
C GLY A 482 -1.54 21.33 14.91
N TRP A 483 -2.52 21.14 14.01
CA TRP A 483 -2.37 21.70 12.64
C TRP A 483 -2.60 23.21 12.67
N SER A 484 -1.60 23.99 12.27
CA SER A 484 -1.82 25.43 12.01
C SER A 484 -2.72 25.61 10.77
N LEU A 485 -3.21 26.83 10.54
CA LEU A 485 -3.93 27.15 9.29
C LEU A 485 -2.99 26.99 8.08
N ARG A 486 -1.72 27.40 8.20
CA ARG A 486 -0.77 27.22 7.09
C ARG A 486 -0.57 25.75 6.78
N GLU A 487 -0.40 24.89 7.78
CA GLU A 487 -0.15 23.46 7.55
C GLU A 487 -1.40 22.82 6.91
N THR A 488 -2.58 23.26 7.35
CA THR A 488 -3.87 22.77 6.78
C THR A 488 -3.95 23.17 5.31
N ALA A 489 -3.65 24.44 4.99
CA ALA A 489 -3.64 24.95 3.62
C ALA A 489 -2.68 24.15 2.75
N CYS A 490 -1.48 23.84 3.27
CA CYS A 490 -0.44 23.16 2.48
C CYS A 490 -0.89 21.69 2.22
N LEU A 491 -1.60 21.04 3.14
CA LEU A 491 -2.17 19.69 2.89
C LEU A 491 -3.29 19.78 1.83
N GLY A 492 -4.13 20.80 1.86
CA GLY A 492 -5.12 21.01 0.79
C GLY A 492 -4.48 21.17 -0.57
N LYS A 493 -3.37 21.92 -0.62
CA LYS A 493 -2.60 22.12 -1.85
C LYS A 493 -2.02 20.80 -2.35
N SER A 494 -1.55 19.91 -1.49
CA SER A 494 -1.07 18.56 -1.88
C SER A 494 -2.20 17.83 -2.63
N TYR A 495 -3.38 17.79 -2.04
CA TYR A 495 -4.54 17.13 -2.72
C TYR A 495 -4.81 17.78 -4.05
N ALA A 496 -4.85 19.11 -4.12
CA ALA A 496 -5.19 19.86 -5.34
C ALA A 496 -4.18 19.50 -6.43
N GLN A 497 -2.89 19.51 -6.14
CA GLN A 497 -1.85 19.22 -7.17
C GLN A 497 -1.94 17.73 -7.61
N MET A 498 -2.27 16.81 -6.69
CA MET A 498 -2.52 15.40 -7.06
C MET A 498 -3.67 15.36 -8.06
N TRP A 499 -4.75 16.06 -7.76
CA TRP A 499 -5.93 16.07 -8.68
C TRP A 499 -5.54 16.63 -10.07
N SER A 500 -4.78 17.72 -10.13
N SER A 500 -4.77 17.71 -10.13
CA SER A 500 -4.32 18.33 -11.40
CA SER A 500 -4.36 18.32 -11.42
C SER A 500 -3.51 17.31 -12.21
C SER A 500 -3.48 17.34 -12.21
N LEU A 501 -2.67 16.50 -11.56
CA LEU A 501 -1.79 15.54 -12.27
C LEU A 501 -2.48 14.22 -12.62
N MET A 502 -3.32 13.66 -11.76
CA MET A 502 -3.86 12.30 -11.91
C MET A 502 -5.32 12.36 -12.39
N TYR A 503 -6.09 13.36 -11.97
CA TYR A 503 -7.58 13.35 -12.14
C TYR A 503 -8.05 14.61 -12.91
N PHE A 504 -7.17 15.22 -13.71
CA PHE A 504 -7.42 16.41 -14.54
C PHE A 504 -8.66 16.21 -15.44
N HIS A 505 -8.91 14.94 -15.78
CA HIS A 505 -9.99 14.51 -16.70
C HIS A 505 -11.37 14.55 -16.06
N ARG A 506 -11.47 14.80 -14.75
CA ARG A 506 -12.74 14.93 -14.01
C ARG A 506 -13.04 16.43 -13.90
N ARG A 507 -14.11 16.91 -14.55
CA ARG A 507 -14.45 18.35 -14.57
C ARG A 507 -14.42 18.96 -13.17
N ASP A 508 -15.10 18.38 -12.19
CA ASP A 508 -15.23 18.96 -10.83
C ASP A 508 -13.83 19.07 -10.18
N LEU A 509 -12.96 18.07 -10.40
CA LEU A 509 -11.66 18.03 -9.66
C LEU A 509 -10.71 19.04 -10.31
N ARG A 510 -10.76 19.22 -11.63
CA ARG A 510 -9.84 20.21 -12.26
C ARG A 510 -10.24 21.60 -11.75
N LEU A 511 -11.55 21.88 -11.66
CA LEU A 511 -12.05 23.18 -11.17
C LEU A 511 -11.70 23.37 -9.68
N ALA A 512 -11.93 22.37 -8.84
CA ALA A 512 -11.67 22.47 -7.38
C ALA A 512 -10.14 22.58 -7.16
N ALA A 513 -9.34 21.89 -7.94
CA ALA A 513 -7.87 21.94 -7.82
C ALA A 513 -7.39 23.36 -8.12
N ASN A 514 -7.90 23.91 -9.21
CA ASN A 514 -7.56 25.31 -9.58
C ASN A 514 -8.01 26.28 -8.47
N ALA A 515 -9.18 26.11 -7.88
CA ALA A 515 -9.72 26.96 -6.81
C ALA A 515 -8.79 26.88 -5.58
N ILE A 516 -8.44 25.67 -5.14
CA ILE A 516 -7.59 25.47 -3.94
C ILE A 516 -6.23 26.13 -4.22
N CYS A 517 -5.62 25.88 -5.37
CA CYS A 517 -4.27 26.46 -5.70
C CYS A 517 -4.38 27.99 -5.79
N SER A 518 -5.54 28.53 -6.09
CA SER A 518 -5.75 30.01 -6.17
C SER A 518 -5.86 30.56 -4.76
N ALA A 519 -6.35 29.76 -3.82
CA ALA A 519 -6.73 30.19 -2.46
C ALA A 519 -5.57 30.09 -1.49
N VAL A 520 -4.58 29.25 -1.80
CA VAL A 520 -3.41 29.03 -0.92
C VAL A 520 -2.27 29.88 -1.50
N PRO A 521 -1.48 30.61 -0.67
CA PRO A 521 -0.39 31.40 -1.22
C PRO A 521 0.49 30.61 -2.18
N SER A 522 0.84 31.21 -3.31
N SER A 522 0.83 31.24 -3.30
CA SER A 522 1.49 30.54 -4.47
CA SER A 522 1.54 30.67 -4.47
C SER A 522 2.82 29.87 -4.07
C SER A 522 2.80 29.91 -4.07
N HIS A 523 3.62 30.48 -3.18
CA HIS A 523 4.93 29.88 -2.79
C HIS A 523 4.89 28.93 -1.62
N TRP A 524 3.73 28.71 -0.99
CA TRP A 524 3.65 27.78 0.15
C TRP A 524 3.80 26.34 -0.35
N VAL A 525 4.60 25.53 0.34
CA VAL A 525 5.05 24.19 -0.13
C VAL A 525 4.05 23.13 0.31
N PRO A 526 3.54 22.28 -0.63
CA PRO A 526 2.68 21.16 -0.23
C PRO A 526 3.30 20.28 0.86
N THR A 527 2.51 19.89 1.87
CA THR A 527 2.96 18.99 2.95
C THR A 527 1.96 17.85 3.13
N SER A 528 2.46 16.74 3.65
CA SER A 528 1.69 15.56 4.12
C SER A 528 2.50 14.88 5.23
N ARG A 529 1.98 14.86 6.46
CA ARG A 529 2.61 14.17 7.63
C ARG A 529 2.77 12.68 7.33
N THR A 530 1.99 12.16 6.37
CA THR A 530 1.87 10.72 6.05
C THR A 530 1.64 10.52 4.55
N ALA A 536 3.82 3.96 -5.04
CA ALA A 536 3.50 5.04 -5.99
C ALA A 536 4.74 5.93 -6.20
N THR A 537 4.54 7.13 -6.75
CA THR A 537 5.57 8.20 -6.90
C THR A 537 4.85 9.55 -6.88
N HIS A 538 5.15 10.41 -5.90
N HIS A 538 5.24 10.41 -5.93
CA HIS A 538 4.32 11.60 -5.58
CA HIS A 538 4.47 11.62 -5.52
C HIS A 538 4.87 12.84 -6.30
C HIS A 538 4.94 12.85 -6.30
N GLU A 539 4.72 12.85 -7.62
CA GLU A 539 5.24 13.93 -8.52
C GLU A 539 4.50 15.26 -8.29
N TRP A 540 3.34 15.23 -7.61
CA TRP A 540 2.59 16.47 -7.25
C TRP A 540 3.20 17.17 -6.03
N MET A 541 4.16 16.55 -5.34
CA MET A 541 4.71 17.17 -4.11
C MET A 541 5.90 18.05 -4.54
N THR A 542 5.60 19.28 -4.96
CA THR A 542 6.55 20.20 -5.64
C THR A 542 5.96 21.61 -5.68
N THR A 543 6.79 22.66 -5.77
CA THR A 543 6.31 24.02 -6.08
C THR A 543 6.55 24.37 -7.56
N GLU A 544 7.02 23.43 -8.39
CA GLU A 544 7.10 23.64 -9.86
C GLU A 544 5.70 23.87 -10.43
N ASP A 545 5.61 24.61 -11.52
CA ASP A 545 4.36 24.89 -12.28
C ASP A 545 3.68 23.53 -12.62
N MET A 546 2.39 23.36 -12.38
CA MET A 546 1.75 22.00 -12.59
C MET A 546 1.66 21.67 -14.10
N LEU A 547 1.63 22.67 -14.99
CA LEU A 547 1.62 22.34 -16.45
C LEU A 547 2.96 21.73 -16.81
N THR A 548 4.07 22.26 -16.30
CA THR A 548 5.43 21.72 -16.55
C THR A 548 5.53 20.28 -16.04
N VAL A 549 5.01 20.02 -14.84
CA VAL A 549 5.03 18.65 -14.26
C VAL A 549 4.13 17.74 -15.11
N TRP A 550 2.95 18.21 -15.51
CA TRP A 550 2.03 17.40 -16.35
C TRP A 550 2.78 16.97 -17.62
N ASN A 551 3.44 17.92 -18.29
CA ASN A 551 4.19 17.62 -19.53
C ASN A 551 5.26 16.57 -19.25
N ARG A 552 5.99 16.68 -18.13
CA ARG A 552 7.09 15.76 -17.83
C ARG A 552 6.51 14.35 -17.64
N VAL A 553 5.41 14.24 -16.89
CA VAL A 553 4.88 12.91 -16.48
C VAL A 553 4.13 12.26 -17.66
N TRP A 554 3.24 12.98 -18.33
CA TRP A 554 2.33 12.40 -19.34
C TRP A 554 2.93 12.38 -20.74
N ILE A 555 3.96 13.21 -21.03
CA ILE A 555 4.53 13.29 -22.40
C ILE A 555 6.00 12.88 -22.35
N GLN A 556 6.87 13.69 -21.72
CA GLN A 556 8.35 13.56 -21.89
C GLN A 556 8.77 12.16 -21.40
N GLU A 557 8.37 11.75 -20.19
CA GLU A 557 8.89 10.55 -19.51
C GLU A 557 7.95 9.36 -19.73
N ASN A 558 6.89 9.54 -20.49
CA ASN A 558 5.85 8.49 -20.67
C ASN A 558 6.27 7.53 -21.77
N PRO A 559 6.73 6.30 -21.47
CA PRO A 559 7.29 5.42 -22.49
C PRO A 559 6.23 4.92 -23.48
N TRP A 560 4.94 5.09 -23.18
CA TRP A 560 3.84 4.74 -24.11
C TRP A 560 3.45 5.88 -25.06
N MET A 561 4.09 7.05 -24.99
CA MET A 561 3.78 8.25 -25.83
C MET A 561 4.95 8.46 -26.80
N GLU A 562 4.78 8.13 -28.08
CA GLU A 562 5.90 8.24 -29.05
C GLU A 562 6.12 9.71 -29.45
N ASP A 563 5.07 10.48 -29.67
CA ASP A 563 5.19 11.92 -30.06
C ASP A 563 5.42 12.74 -28.78
N LYS A 564 6.56 13.43 -28.67
CA LYS A 564 6.94 14.16 -27.45
C LYS A 564 6.63 15.67 -27.57
N THR A 565 5.73 16.07 -28.46
CA THR A 565 5.35 17.51 -28.60
C THR A 565 4.74 17.97 -27.28
N PRO A 566 5.31 19.00 -26.60
CA PRO A 566 4.78 19.46 -25.32
C PRO A 566 3.40 20.08 -25.54
N VAL A 567 2.58 20.00 -24.49
CA VAL A 567 1.26 20.67 -24.46
C VAL A 567 1.51 22.11 -23.97
N GLU A 568 0.89 23.11 -24.58
CA GLU A 568 1.19 24.55 -24.33
C GLU A 568 0.22 25.12 -23.30
N SER A 569 -0.94 24.51 -23.08
CA SER A 569 -1.95 25.06 -22.15
C SER A 569 -2.84 23.94 -21.63
N TRP A 570 -3.52 24.21 -20.53
CA TRP A 570 -4.48 23.23 -19.93
C TRP A 570 -5.66 22.92 -20.87
N GLU A 571 -6.07 23.89 -21.69
CA GLU A 571 -7.28 23.78 -22.57
C GLU A 571 -7.09 22.62 -23.56
N GLU A 572 -5.85 22.30 -23.92
CA GLU A 572 -5.48 21.15 -24.80
C GLU A 572 -5.78 19.82 -24.11
N ILE A 573 -5.65 19.77 -22.78
CA ILE A 573 -5.72 18.52 -21.97
C ILE A 573 -7.18 18.15 -21.79
N PRO A 574 -7.58 16.94 -22.26
CA PRO A 574 -9.00 16.60 -22.36
C PRO A 574 -9.65 16.16 -21.02
N TYR A 575 -10.97 16.07 -21.05
CA TYR A 575 -11.81 15.48 -19.99
C TYR A 575 -12.39 14.14 -20.49
N LEU A 576 -12.84 13.30 -19.56
CA LEU A 576 -13.77 12.18 -19.90
C LEU A 576 -14.95 12.77 -20.67
N GLY A 577 -15.66 11.96 -21.45
CA GLY A 577 -17.01 12.38 -21.90
C GLY A 577 -17.90 12.83 -20.74
N LYS A 578 -18.85 13.71 -21.03
CA LYS A 578 -19.78 14.30 -20.03
C LYS A 578 -20.59 13.21 -19.31
N ARG A 579 -21.04 12.17 -20.01
CA ARG A 579 -21.86 11.09 -19.38
C ARG A 579 -20.94 10.17 -18.57
N GLU A 580 -19.74 9.88 -19.07
CA GLU A 580 -18.75 9.04 -18.30
C GLU A 580 -18.37 9.76 -17.01
N ASP A 581 -18.18 11.09 -17.04
CA ASP A 581 -17.81 11.88 -15.84
C ASP A 581 -18.92 11.73 -14.81
N GLN A 582 -20.17 11.81 -15.28
CA GLN A 582 -21.33 11.64 -14.39
C GLN A 582 -21.35 10.22 -13.82
N TRP A 583 -21.15 9.21 -14.68
CA TRP A 583 -21.15 7.79 -14.24
C TRP A 583 -20.13 7.60 -13.09
N CYS A 584 -18.99 8.30 -13.18
CA CYS A 584 -17.92 8.19 -12.15
C CYS A 584 -18.05 9.23 -11.04
N GLY A 585 -19.23 9.85 -10.87
CA GLY A 585 -19.69 10.60 -9.69
C GLY A 585 -19.66 12.12 -9.87
N SER A 586 -19.43 12.67 -11.05
CA SER A 586 -19.45 14.14 -11.30
C SER A 586 -20.84 14.71 -10.90
N LEU A 587 -20.83 15.92 -10.40
CA LEU A 587 -22.04 16.73 -10.16
C LEU A 587 -22.39 17.65 -11.34
N ILE A 588 -21.66 17.60 -12.46
CA ILE A 588 -22.00 18.43 -13.65
C ILE A 588 -23.49 18.21 -13.93
N GLY A 589 -24.22 19.28 -14.22
CA GLY A 589 -25.66 19.18 -14.50
C GLY A 589 -26.53 19.51 -13.30
N LEU A 590 -26.04 19.47 -12.07
CA LEU A 590 -26.79 19.87 -10.86
C LEU A 590 -26.75 21.40 -10.70
N THR A 591 -27.84 21.97 -10.19
CA THR A 591 -27.93 23.41 -9.83
C THR A 591 -26.88 23.78 -8.77
N SER A 592 -26.69 22.98 -7.72
CA SER A 592 -25.64 23.23 -6.68
C SER A 592 -24.26 23.41 -7.36
N ARG A 593 -23.92 22.55 -8.29
CA ARG A 593 -22.59 22.57 -8.95
C ARG A 593 -22.47 23.82 -9.83
N ALA A 594 -23.50 24.14 -10.60
CA ALA A 594 -23.51 25.35 -11.45
C ALA A 594 -23.29 26.60 -10.58
N THR A 595 -23.95 26.70 -9.43
CA THR A 595 -23.81 27.91 -8.59
C THR A 595 -22.37 27.97 -8.05
N TRP A 596 -21.87 26.82 -7.62
CA TRP A 596 -20.46 26.72 -7.12
C TRP A 596 -19.49 27.20 -8.20
N ALA A 597 -19.60 26.69 -9.43
CA ALA A 597 -18.64 27.01 -10.52
C ALA A 597 -18.74 28.50 -10.87
N LYS A 598 -19.95 29.01 -10.99
CA LYS A 598 -20.20 30.44 -11.35
C LYS A 598 -19.59 31.39 -10.32
N ASN A 599 -19.76 31.10 -9.03
CA ASN A 599 -19.39 31.95 -7.88
C ASN A 599 -18.04 31.53 -7.28
N ILE A 600 -17.22 30.78 -7.99
CA ILE A 600 -15.99 30.18 -7.36
C ILE A 600 -15.06 31.28 -6.80
N GLN A 601 -15.00 32.46 -7.43
N GLN A 601 -15.00 32.46 -7.42
CA GLN A 601 -14.08 33.55 -6.98
CA GLN A 601 -14.06 33.53 -6.98
C GLN A 601 -14.47 34.01 -5.56
C GLN A 601 -14.47 34.03 -5.58
N THR A 602 -15.76 34.00 -5.25
CA THR A 602 -16.27 34.32 -3.90
C THR A 602 -15.77 33.29 -2.88
N ALA A 603 -15.69 32.02 -3.23
CA ALA A 603 -15.24 30.96 -2.32
C ALA A 603 -13.74 31.12 -2.13
N ILE A 604 -13.03 31.38 -3.23
CA ILE A 604 -11.55 31.59 -3.22
C ILE A 604 -11.27 32.78 -2.28
N ASN A 605 -12.04 33.85 -2.40
CA ASN A 605 -11.81 35.10 -1.61
C ASN A 605 -12.16 34.83 -0.14
N GLN A 606 -13.13 33.95 0.17
CA GLN A 606 -13.39 33.62 1.57
C GLN A 606 -12.13 33.01 2.19
N VAL A 607 -11.53 32.02 1.53
CA VAL A 607 -10.35 31.34 2.10
C VAL A 607 -9.17 32.31 2.17
N ARG A 608 -8.97 33.12 1.12
CA ARG A 608 -7.86 34.13 1.12
C ARG A 608 -8.02 35.09 2.31
N SER A 609 -9.25 35.51 2.60
CA SER A 609 -9.51 36.43 3.75
C SER A 609 -9.17 35.74 5.07
N LEU A 610 -9.40 34.43 5.21
CA LEU A 610 -9.04 33.71 6.45
C LEU A 610 -7.51 33.62 6.57
N ILE A 611 -6.81 33.29 5.49
CA ILE A 611 -5.34 33.06 5.54
C ILE A 611 -4.66 34.42 5.75
N GLY A 612 -5.14 35.44 5.07
CA GLY A 612 -4.72 36.85 5.28
C GLY A 612 -3.96 37.41 4.09
N ASN A 613 -3.17 38.46 4.33
CA ASN A 613 -2.59 39.25 3.23
C ASN A 613 -1.26 38.59 2.78
N GLU A 614 -1.35 37.72 1.81
CA GLU A 614 -0.25 36.85 1.33
C GLU A 614 -0.19 37.05 -0.18
N GLU A 615 0.77 36.44 -0.85
CA GLU A 615 0.85 36.55 -2.34
C GLU A 615 0.10 35.33 -2.88
N TYR A 616 -0.92 35.59 -3.69
CA TYR A 616 -1.78 34.56 -4.34
C TYR A 616 -1.69 34.72 -5.85
N THR A 617 -1.92 33.63 -6.58
CA THR A 617 -2.06 33.59 -8.07
C THR A 617 -3.48 33.14 -8.42
N ASP A 618 -4.11 33.74 -9.43
CA ASP A 618 -5.41 33.26 -9.95
C ASP A 618 -5.14 32.20 -11.03
N TYR A 619 -5.43 30.92 -10.73
CA TYR A 619 -5.30 29.85 -11.75
C TYR A 619 -6.63 29.60 -12.47
N MET A 620 -7.74 30.25 -12.13
CA MET A 620 -9.05 29.96 -12.80
C MET A 620 -9.03 30.24 -14.32
N PRO A 621 -8.44 31.37 -14.81
CA PRO A 621 -8.36 31.65 -16.24
C PRO A 621 -7.65 30.59 -17.11
N SER A 622 -6.98 29.62 -16.48
CA SER A 622 -6.41 28.40 -17.14
C SER A 622 -7.55 27.58 -17.77
N MET A 623 -8.77 27.68 -17.23
CA MET A 623 -9.98 27.00 -17.76
C MET A 623 -10.55 27.80 -18.93
N LYS A 624 -11.49 27.21 -19.67
CA LYS A 624 -12.12 27.82 -20.86
C LYS A 624 -13.19 28.84 -20.44
N ARG A 625 -13.97 28.53 -19.41
CA ARG A 625 -15.17 29.33 -19.00
C ARG A 625 -14.75 30.61 -18.24
N PHE A 626 -13.60 30.60 -17.57
CA PHE A 626 -13.11 31.78 -16.78
C PHE A 626 -12.13 32.65 -17.61
N ARG A 627 -11.91 32.23 -18.87
CA ARG A 627 -11.02 32.87 -19.87
C ARG A 627 -11.89 33.62 -20.88
#